data_3KE2
#
_entry.id   3KE2
#
_cell.length_a   66.479
_cell.length_b   100.509
_cell.length_c   114.583
_cell.angle_alpha   90.000
_cell.angle_beta   90.000
_cell.angle_gamma   90.000
#
_symmetry.space_group_name_H-M   'C 2 2 21'
#
loop_
_entity.id
_entity.type
_entity.pdbx_description
1 polymer 'uncharacterized protein YP_928783.1'
2 non-polymer 'NITRATE ION'
3 non-polymer 1,2-ETHANEDIOL
4 water water
#
_entity_poly.entity_id   1
_entity_poly.type   'polypeptide(L)'
_entity_poly.pdbx_seq_one_letter_code
;G(MSE)TQDNASGDQVSKQHKAFLRKLYLAHL(MSE)DDARHNLLSLGKLTG(MSE)PRRTLQDAIASFADIGIEVEFVQ
DGERHNAGYYRIRTWGPISSAW(MSE)DTHVDEVKSLLGVDDAVGQATAGNGA
;
_entity_poly.pdbx_strand_id   A,B,C
#
# COMPACT_ATOMS: atom_id res chain seq x y z
N GLY A 9 -14.20 0.28 1.22
CA GLY A 9 -14.40 1.15 2.42
C GLY A 9 -13.48 0.67 3.52
N ASP A 10 -13.91 -0.37 4.23
CA ASP A 10 -13.08 -0.98 5.26
C ASP A 10 -12.21 -2.07 4.57
N GLN A 11 -12.70 -2.57 3.45
CA GLN A 11 -12.05 -3.63 2.62
C GLN A 11 -10.45 -3.59 2.54
N VAL A 12 -9.87 -2.63 1.79
CA VAL A 12 -8.39 -2.55 1.64
C VAL A 12 -7.76 -1.16 1.97
N SER A 13 -6.45 -1.15 2.21
CA SER A 13 -5.75 0.09 2.54
C SER A 13 -5.64 0.99 1.31
N LYS A 14 -5.39 2.27 1.53
CA LYS A 14 -5.23 3.23 0.43
C LYS A 14 -4.09 2.82 -0.48
N GLN A 15 -3.02 2.35 0.14
CA GLN A 15 -1.83 1.95 -0.58
C GLN A 15 -2.15 0.76 -1.49
N HIS A 16 -2.91 -0.19 -0.95
CA HIS A 16 -3.28 -1.39 -1.68
C HIS A 16 -4.27 -1.06 -2.80
N LYS A 17 -5.17 -0.11 -2.49
CA LYS A 17 -6.17 0.35 -3.43
C LYS A 17 -5.42 0.93 -4.63
N ALA A 18 -4.41 1.76 -4.35
CA ALA A 18 -3.61 2.39 -5.40
C ALA A 18 -2.87 1.39 -6.25
N PHE A 19 -2.47 0.29 -5.65
CA PHE A 19 -1.77 -0.77 -6.38
C PHE A 19 -2.72 -1.50 -7.31
N LEU A 20 -3.89 -1.88 -6.81
CA LEU A 20 -4.85 -2.57 -7.64
C LEU A 20 -5.31 -1.66 -8.81
N ARG A 21 -5.29 -0.34 -8.60
CA ARG A 21 -5.66 0.61 -9.63
CA ARG A 21 -5.71 0.57 -9.64
C ARG A 21 -4.70 0.47 -10.79
N LYS A 22 -3.42 0.36 -10.46
CA LYS A 22 -2.41 0.24 -11.51
C LYS A 22 -2.61 -1.07 -12.23
N LEU A 23 -2.88 -2.15 -11.50
CA LEU A 23 -3.07 -3.46 -12.18
C LEU A 23 -4.30 -3.50 -13.05
N TYR A 24 -5.34 -2.80 -12.60
CA TYR A 24 -6.61 -2.76 -13.32
C TYR A 24 -6.44 -1.99 -14.62
N LEU A 25 -5.78 -0.84 -14.53
CA LEU A 25 -5.55 -0.05 -15.76
C LEU A 25 -4.72 -0.89 -16.74
N ALA A 26 -3.66 -1.49 -16.23
CA ALA A 26 -2.80 -2.29 -17.06
C ALA A 26 -3.60 -3.39 -17.74
N HIS A 27 -4.55 -3.98 -17.03
CA HIS A 27 -5.38 -5.05 -17.61
C HIS A 27 -6.24 -4.45 -18.73
N LEU A 28 -6.88 -3.31 -18.48
CA LEU A 28 -7.70 -2.67 -19.49
C LEU A 28 -6.89 -2.36 -20.76
N ASP A 30 -4.24 -3.70 -21.80
CA ASP A 30 -3.71 -4.87 -22.44
C ASP A 30 -4.77 -5.58 -23.29
N ASP A 31 -6.05 -5.44 -22.96
CA ASP A 31 -7.11 -6.15 -23.73
C ASP A 31 -7.76 -5.33 -24.85
N ALA A 32 -7.51 -4.01 -24.87
CA ALA A 32 -8.04 -3.09 -25.87
C ALA A 32 -7.13 -1.84 -26.02
N ARG A 33 -7.23 -1.16 -27.16
CA ARG A 33 -6.47 0.05 -27.39
C ARG A 33 -7.15 1.22 -26.72
N HIS A 34 -6.48 1.76 -25.71
CA HIS A 34 -6.97 2.86 -24.95
C HIS A 34 -6.01 3.99 -24.87
N ASN A 35 -6.59 5.18 -24.64
CA ASN A 35 -5.83 6.39 -24.33
C ASN A 35 -6.51 7.05 -23.10
N LEU A 36 -6.03 8.21 -22.69
CA LEU A 36 -6.58 8.86 -21.50
C LEU A 36 -8.07 9.13 -21.65
N LEU A 37 -8.44 9.65 -22.79
CA LEU A 37 -9.83 9.97 -23.06
C LEU A 37 -10.72 8.72 -23.04
N SER A 38 -10.25 7.61 -23.62
CA SER A 38 -11.08 6.39 -23.61
C SER A 38 -11.12 5.82 -22.20
N LEU A 39 -9.98 5.78 -21.52
CA LEU A 39 -9.97 5.30 -20.15
C LEU A 39 -10.91 6.12 -19.24
N GLY A 40 -10.97 7.44 -19.45
CA GLY A 40 -11.81 8.28 -18.63
C GLY A 40 -13.29 7.98 -18.76
N LYS A 41 -13.74 7.83 -20.01
CA LYS A 41 -15.16 7.56 -20.29
C LYS A 41 -15.60 6.18 -19.80
N LEU A 42 -14.69 5.22 -19.86
CA LEU A 42 -14.97 3.85 -19.41
C LEU A 42 -14.94 3.66 -17.91
N THR A 43 -13.97 4.27 -17.25
CA THR A 43 -13.81 4.02 -15.81
C THR A 43 -14.34 5.10 -14.93
N GLY A 44 -14.50 6.31 -15.46
CA GLY A 44 -14.99 7.40 -14.63
C GLY A 44 -13.86 8.14 -13.89
N PRO A 46 -10.93 10.62 -13.17
CA PRO A 46 -10.59 11.82 -13.95
C PRO A 46 -9.19 11.69 -14.55
N ARG A 47 -8.92 12.56 -15.52
CA ARG A 47 -7.65 12.56 -16.25
C ARG A 47 -6.36 12.59 -15.44
N ARG A 48 -6.33 13.33 -14.32
CA ARG A 48 -5.14 13.38 -13.47
C ARG A 48 -4.93 12.04 -12.75
N THR A 49 -6.00 11.44 -12.21
CA THR A 49 -5.84 10.15 -11.54
C THR A 49 -5.23 9.16 -12.54
N LEU A 50 -5.63 9.27 -13.80
CA LEU A 50 -5.12 8.38 -14.83
C LEU A 50 -3.63 8.67 -15.13
N GLN A 51 -3.28 9.93 -15.43
CA GLN A 51 -1.88 10.29 -15.71
C GLN A 51 -0.97 9.86 -14.56
N ASP A 52 -1.38 10.14 -13.33
CA ASP A 52 -0.59 9.81 -12.14
C ASP A 52 -0.46 8.32 -11.94
N ALA A 53 -1.53 7.57 -12.20
CA ALA A 53 -1.45 6.12 -12.03
C ALA A 53 -0.48 5.56 -13.04
N ILE A 54 -0.69 5.95 -14.30
CA ILE A 54 0.16 5.52 -15.40
C ILE A 54 1.60 5.98 -15.14
N ALA A 55 1.75 7.18 -14.62
CA ALA A 55 3.08 7.69 -14.34
C ALA A 55 3.82 6.78 -13.39
N SER A 56 3.10 6.13 -12.47
CA SER A 56 3.76 5.28 -11.48
C SER A 56 3.84 3.77 -11.83
N PHE A 57 3.50 3.36 -13.04
CA PHE A 57 3.63 1.94 -13.40
C PHE A 57 5.09 1.50 -13.24
N ALA A 58 6.01 2.39 -13.61
CA ALA A 58 7.43 2.09 -13.50
C ALA A 58 7.78 1.70 -12.06
N ASP A 59 7.08 2.27 -11.07
CA ASP A 59 7.30 1.96 -9.65
C ASP A 59 7.13 0.48 -9.34
N ILE A 60 6.27 -0.21 -10.09
CA ILE A 60 6.02 -1.62 -9.84
C ILE A 60 6.52 -2.50 -10.99
N GLY A 61 7.38 -1.95 -11.85
CA GLY A 61 7.97 -2.71 -12.97
C GLY A 61 7.18 -2.93 -14.25
N ILE A 62 6.07 -2.22 -14.40
CA ILE A 62 5.27 -2.33 -15.63
C ILE A 62 5.74 -1.19 -16.55
N GLU A 63 6.31 -1.55 -17.69
CA GLU A 63 6.78 -0.57 -18.66
C GLU A 63 5.66 -0.37 -19.66
N VAL A 64 5.16 0.86 -19.75
CA VAL A 64 4.10 1.23 -20.64
C VAL A 64 4.61 2.25 -21.65
N GLU A 65 4.16 2.10 -22.90
CA GLU A 65 4.50 2.97 -24.02
C GLU A 65 3.24 3.57 -24.57
N PHE A 66 3.39 4.68 -25.29
CA PHE A 66 2.28 5.31 -25.97
C PHE A 66 2.64 5.24 -27.44
N VAL A 67 1.77 4.61 -28.23
CA VAL A 67 2.04 4.35 -29.63
C VAL A 67 1.09 4.98 -30.61
N GLN A 68 1.62 5.48 -31.72
CA GLN A 68 0.83 6.06 -32.79
C GLN A 68 1.17 5.42 -34.11
N ASP A 69 0.33 5.67 -35.10
CA ASP A 69 0.57 5.26 -36.49
C ASP A 69 1.81 6.00 -36.96
N GLY A 70 2.45 5.49 -38.00
CA GLY A 70 3.64 6.10 -38.55
C GLY A 70 3.46 7.54 -39.03
N GLU A 71 2.32 7.83 -39.64
CA GLU A 71 2.04 9.19 -40.13
C GLU A 71 1.65 10.14 -38.99
N ARG A 72 1.50 9.62 -37.77
CA ARG A 72 1.24 10.43 -36.56
C ARG A 72 0.08 11.41 -36.70
N HIS A 73 -1.00 10.93 -37.30
CA HIS A 73 -2.21 11.73 -37.45
C HIS A 73 -3.28 11.21 -36.48
N ASN A 74 -3.27 9.92 -36.22
CA ASN A 74 -4.24 9.32 -35.32
C ASN A 74 -3.87 9.53 -33.88
N ALA A 75 -4.86 9.34 -33.01
CA ALA A 75 -4.64 9.49 -31.58
C ALA A 75 -3.89 8.23 -31.18
N GLY A 76 -2.97 8.33 -30.26
CA GLY A 76 -2.23 7.14 -29.91
C GLY A 76 -2.97 6.27 -28.93
N TYR A 77 -2.33 5.18 -28.52
CA TYR A 77 -2.91 4.29 -27.54
C TYR A 77 -1.78 3.73 -26.68
N TYR A 78 -2.10 3.37 -25.45
CA TYR A 78 -1.11 2.82 -24.58
C TYR A 78 -0.91 1.34 -24.83
N ARG A 79 0.31 0.88 -24.63
CA ARG A 79 0.66 -0.52 -24.76
C ARG A 79 1.63 -0.90 -23.65
N ILE A 80 1.47 -2.11 -23.12
CA ILE A 80 2.34 -2.61 -22.08
C ILE A 80 3.55 -3.22 -22.77
N ARG A 81 4.73 -2.61 -22.55
CA ARG A 81 5.98 -3.11 -23.14
CA ARG A 81 5.96 -3.10 -23.16
C ARG A 81 6.35 -4.39 -22.42
N THR A 82 6.25 -4.36 -21.08
CA THR A 82 6.53 -5.56 -20.27
C THR A 82 5.80 -5.46 -18.94
N TRP A 83 5.31 -6.59 -18.47
CA TRP A 83 4.63 -6.63 -17.17
C TRP A 83 5.65 -6.78 -16.05
N GLY A 84 6.85 -7.22 -16.41
CA GLY A 84 7.91 -7.43 -15.44
C GLY A 84 7.51 -8.38 -14.32
N PRO A 85 7.62 -7.92 -13.07
CA PRO A 85 7.35 -8.80 -11.95
C PRO A 85 5.87 -9.07 -11.71
N ILE A 86 4.99 -8.40 -12.48
CA ILE A 86 3.55 -8.54 -12.31
C ILE A 86 2.98 -9.62 -13.21
N SER A 87 2.12 -10.41 -12.61
CA SER A 87 1.46 -11.48 -13.31
C SER A 87 0.16 -10.94 -13.89
N SER A 88 0.11 -10.86 -15.21
CA SER A 88 -1.09 -10.40 -15.88
C SER A 88 -2.26 -11.36 -15.67
N ALA A 89 -1.97 -12.67 -15.66
CA ALA A 89 -3.01 -13.70 -15.48
C ALA A 89 -3.78 -13.57 -14.16
N TRP A 90 -3.13 -13.00 -13.15
CA TRP A 90 -3.76 -12.83 -11.85
C TRP A 90 -4.94 -11.89 -11.95
N ASP A 92 -6.74 -11.35 -14.45
CA ASP A 92 -7.79 -12.08 -15.23
C ASP A 92 -8.80 -12.75 -14.30
N THR A 93 -8.26 -13.34 -13.25
CA THR A 93 -9.04 -14.07 -12.28
C THR A 93 -9.81 -13.18 -11.32
N HIS A 94 -9.26 -12.01 -11.00
CA HIS A 94 -9.85 -11.14 -9.96
C HIS A 94 -10.53 -9.84 -10.45
N VAL A 95 -10.77 -9.72 -11.75
CA VAL A 95 -11.34 -8.48 -12.32
C VAL A 95 -12.61 -7.97 -11.62
N ASP A 96 -13.63 -8.82 -11.51
CA ASP A 96 -14.90 -8.40 -10.91
C ASP A 96 -14.70 -7.83 -9.50
N GLU A 97 -13.91 -8.58 -8.71
CA GLU A 97 -13.61 -8.24 -7.34
C GLU A 97 -12.90 -6.86 -7.23
N VAL A 98 -11.88 -6.70 -8.04
CA VAL A 98 -11.08 -5.47 -8.09
C VAL A 98 -11.86 -4.25 -8.58
N LYS A 99 -12.66 -4.47 -9.62
CA LYS A 99 -13.47 -3.40 -10.22
C LYS A 99 -14.43 -2.84 -9.15
N SER A 100 -15.02 -3.71 -8.35
CA SER A 100 -15.90 -3.27 -7.28
C SER A 100 -15.12 -2.41 -6.26
N LEU A 101 -14.08 -2.99 -5.66
CA LEU A 101 -13.28 -2.28 -4.66
C LEU A 101 -12.84 -0.89 -5.12
N LEU A 102 -12.47 -0.75 -6.39
CA LEU A 102 -12.00 0.55 -6.95
C LEU A 102 -13.14 1.52 -7.23
N GLY A 103 -14.37 1.02 -7.23
CA GLY A 103 -15.56 1.84 -7.50
C GLY A 103 -15.68 2.25 -8.97
N VAL A 104 -15.20 1.39 -9.88
CA VAL A 104 -15.25 1.73 -11.30
C VAL A 104 -16.68 1.63 -11.85
N ASP A 105 -17.11 2.77 -12.39
CA ASP A 105 -18.40 2.97 -12.98
C ASP A 105 -18.21 3.26 -14.48
N ASP A 106 -18.82 2.46 -15.38
CA ASP A 106 -18.79 2.77 -16.84
C ASP A 106 -19.67 3.99 -16.95
N ALA A 107 -19.02 5.15 -17.06
CA ALA A 107 -19.71 6.44 -17.10
C ALA A 107 -20.98 6.50 -17.97
N VAL A 108 -20.98 5.82 -19.12
CA VAL A 108 -22.14 5.80 -20.03
C VAL A 108 -23.34 5.11 -19.39
N GLY A 109 -23.11 4.17 -18.47
CA GLY A 109 -24.20 3.45 -17.79
C GLY A 109 -24.94 4.22 -16.69
N GLN A 110 -24.26 5.22 -16.11
CA GLN A 110 -24.83 6.06 -15.04
C GLN A 110 -25.72 7.22 -15.57
N ALA A 111 -25.18 8.01 -16.54
CA ALA A 111 -25.85 9.20 -17.15
C ALA A 111 -27.38 9.16 -17.15
N VAL B 12 16.35 4.82 -10.03
CA VAL B 12 15.20 4.10 -9.41
C VAL B 12 14.64 4.84 -8.18
N SER B 13 13.34 5.13 -8.24
CA SER B 13 12.60 5.85 -7.19
C SER B 13 12.54 5.19 -5.78
N LYS B 14 12.20 6.02 -4.78
CA LYS B 14 12.03 5.59 -3.36
C LYS B 14 10.90 4.56 -3.23
N GLN B 15 9.90 4.62 -4.14
CA GLN B 15 8.78 3.68 -4.14
C GLN B 15 9.17 2.40 -4.89
N HIS B 16 9.97 2.54 -5.96
CA HIS B 16 10.44 1.37 -6.74
C HIS B 16 11.49 0.61 -5.90
N LYS B 17 12.28 1.37 -5.14
CA LYS B 17 13.27 0.83 -4.22
C LYS B 17 12.47 0.05 -3.22
N ALA B 18 11.56 0.75 -2.54
CA ALA B 18 10.73 0.10 -1.53
C ALA B 18 10.02 -1.15 -2.05
N PHE B 19 9.67 -1.14 -3.34
CA PHE B 19 8.97 -2.27 -3.97
C PHE B 19 9.87 -3.46 -4.20
N LEU B 20 11.04 -3.19 -4.78
CA LEU B 20 11.99 -4.25 -5.04
C LEU B 20 12.42 -4.88 -3.73
N ARG B 21 12.50 -4.08 -2.66
CA ARG B 21 12.84 -4.59 -1.33
C ARG B 21 11.89 -5.70 -0.95
N LYS B 22 10.60 -5.44 -1.05
CA LYS B 22 9.64 -6.45 -0.65
C LYS B 22 9.82 -7.72 -1.47
N LEU B 23 9.95 -7.58 -2.79
CA LEU B 23 10.12 -8.77 -3.65
C LEU B 23 11.39 -9.52 -3.32
N TYR B 24 12.43 -8.80 -2.93
CA TYR B 24 13.68 -9.44 -2.57
C TYR B 24 13.53 -10.23 -1.26
N LEU B 25 12.87 -9.63 -0.26
CA LEU B 25 12.67 -10.33 1.01
C LEU B 25 11.80 -11.52 0.79
N ALA B 26 10.77 -11.35 -0.03
CA ALA B 26 9.86 -12.44 -0.33
C ALA B 26 10.62 -13.61 -0.91
N HIS B 27 11.59 -13.29 -1.77
CA HIS B 27 12.45 -14.31 -2.43
C HIS B 27 13.32 -15.10 -1.42
N LEU B 28 13.91 -14.39 -0.46
CA LEU B 28 14.73 -15.00 0.58
C LEU B 28 13.87 -15.90 1.43
N ASP B 30 11.27 -17.41 0.54
CA ASP B 30 10.73 -18.53 -0.21
C ASP B 30 11.73 -19.69 -0.29
N ASP B 31 13.03 -19.41 -0.41
CA ASP B 31 14.00 -20.53 -0.52
C ASP B 31 14.64 -21.00 0.78
N ALA B 32 14.43 -20.27 1.86
CA ALA B 32 15.02 -20.66 3.12
C ALA B 32 14.14 -20.20 4.24
N ARG B 33 14.18 -20.93 5.34
CA ARG B 33 13.40 -20.55 6.49
C ARG B 33 14.12 -19.41 7.18
N HIS B 34 13.46 -18.26 7.26
CA HIS B 34 14.01 -17.10 7.87
C HIS B 34 13.07 -16.44 8.85
N ASN B 35 13.65 -15.72 9.80
CA ASN B 35 12.88 -14.89 10.72
C ASN B 35 13.56 -13.55 10.74
N LEU B 36 13.07 -12.62 11.56
CA LEU B 36 13.67 -11.28 11.60
C LEU B 36 15.16 -11.24 11.92
N LEU B 37 15.58 -12.14 12.78
CA LEU B 37 16.97 -12.20 13.16
C LEU B 37 17.83 -12.65 11.96
N SER B 38 17.43 -13.74 11.30
CA SER B 38 18.19 -14.28 10.17
C SER B 38 18.22 -13.31 8.99
N LEU B 39 17.08 -12.71 8.68
CA LEU B 39 17.00 -11.71 7.60
C LEU B 39 17.91 -10.54 7.92
N GLY B 40 18.02 -10.24 9.22
CA GLY B 40 18.89 -9.16 9.70
C GLY B 40 20.37 -9.46 9.48
N LYS B 41 20.77 -10.69 9.79
CA LYS B 41 22.16 -11.12 9.61
C LYS B 41 22.49 -11.25 8.13
N LEU B 42 21.51 -11.60 7.31
CA LEU B 42 21.74 -11.82 5.88
C LEU B 42 21.68 -10.56 5.04
N THR B 43 20.81 -9.62 5.39
CA THR B 43 20.62 -8.40 4.60
C THR B 43 21.22 -7.14 5.18
N GLY B 44 21.51 -7.12 6.47
CA GLY B 44 22.05 -5.92 7.08
C GLY B 44 20.98 -4.86 7.38
N PRO B 46 17.99 -3.08 9.28
CA PRO B 46 17.62 -3.20 10.71
C PRO B 46 16.21 -3.76 10.92
N ARG B 47 15.96 -4.33 12.11
CA ARG B 47 14.64 -4.92 12.49
C ARG B 47 13.44 -4.06 12.03
N ARG B 48 13.51 -2.76 12.31
CA ARG B 48 12.52 -1.78 11.89
C ARG B 48 12.13 -1.92 10.41
N THR B 49 13.11 -1.74 9.52
CA THR B 49 12.86 -1.82 8.08
C THR B 49 12.21 -3.14 7.71
N LEU B 50 12.75 -4.23 8.26
CA LEU B 50 12.26 -5.59 7.97
C LEU B 50 10.79 -5.76 8.34
N GLN B 51 10.41 -5.26 9.52
CA GLN B 51 9.01 -5.36 9.96
C GLN B 51 8.07 -4.53 9.07
N ASP B 52 8.46 -3.30 8.72
CA ASP B 52 7.63 -2.46 7.85
C ASP B 52 7.48 -3.11 6.51
N ALA B 53 8.59 -3.67 6.03
CA ALA B 53 8.60 -4.35 4.75
C ALA B 53 7.59 -5.47 4.81
N ILE B 54 7.73 -6.33 5.82
CA ILE B 54 6.81 -7.45 5.97
C ILE B 54 5.38 -6.99 6.13
N ALA B 55 5.17 -6.00 6.98
CA ALA B 55 3.85 -5.44 7.22
C ALA B 55 3.21 -4.91 5.94
N SER B 56 4.02 -4.52 4.95
CA SER B 56 3.46 -3.96 3.70
C SER B 56 3.32 -4.94 2.53
N PHE B 57 3.66 -6.22 2.73
CA PHE B 57 3.53 -7.23 1.67
C PHE B 57 2.10 -7.34 1.17
N ALA B 58 1.15 -7.22 2.09
CA ALA B 58 -0.27 -7.31 1.74
C ALA B 58 -0.66 -6.23 0.72
N ASP B 59 -0.04 -5.06 0.82
CA ASP B 59 -0.32 -3.97 -0.11
C ASP B 59 0.07 -4.30 -1.54
N ILE B 60 0.85 -5.34 -1.77
CA ILE B 60 1.17 -5.72 -3.13
C ILE B 60 0.70 -7.19 -3.39
N GLY B 61 -0.21 -7.69 -2.55
CA GLY B 61 -0.77 -9.03 -2.71
C GLY B 61 0.04 -10.25 -2.29
N ILE B 62 1.12 -10.05 -1.54
CA ILE B 62 1.89 -11.17 -1.08
C ILE B 62 1.42 -11.49 0.34
N GLU B 63 0.89 -12.69 0.53
CA GLU B 63 0.39 -13.13 1.84
C GLU B 63 1.49 -13.90 2.51
N VAL B 64 1.84 -13.47 3.72
CA VAL B 64 2.89 -14.06 4.51
C VAL B 64 2.33 -14.64 5.78
N GLU B 65 2.84 -15.79 6.20
CA GLU B 65 2.46 -16.42 7.45
C GLU B 65 3.68 -16.45 8.34
N PHE B 66 3.48 -16.60 9.64
CA PHE B 66 4.58 -16.77 10.54
C PHE B 66 4.36 -18.13 11.22
N VAL B 67 5.27 -19.06 10.97
CA VAL B 67 5.11 -20.42 11.41
C VAL B 67 6.08 -20.91 12.49
N GLN B 68 5.50 -21.55 13.49
CA GLN B 68 6.22 -22.13 14.62
C GLN B 68 6.10 -23.64 14.62
N ASP B 69 6.97 -24.29 15.39
CA ASP B 69 6.92 -25.73 15.55
C ASP B 69 5.71 -26.06 16.47
N GLY B 70 5.13 -27.22 16.30
CA GLY B 70 3.97 -27.64 17.10
C GLY B 70 4.03 -27.42 18.61
N GLU B 71 5.19 -27.65 19.20
CA GLU B 71 5.36 -27.44 20.65
C GLU B 71 5.50 -25.95 21.02
N ARG B 72 5.57 -25.09 20.01
CA ARG B 72 5.64 -23.64 20.19
C ARG B 72 6.78 -23.22 21.10
N HIS B 73 7.95 -23.79 20.88
CA HIS B 73 9.13 -23.42 21.63
C HIS B 73 10.23 -22.83 20.75
N ASN B 74 10.09 -22.90 19.43
CA ASN B 74 11.14 -22.36 18.57
C ASN B 74 10.88 -20.87 18.23
N ALA B 75 11.82 -20.24 17.52
CA ALA B 75 11.68 -18.81 17.15
C ALA B 75 10.83 -18.55 15.88
N GLY B 76 10.44 -19.62 15.18
CA GLY B 76 9.61 -19.53 14.00
C GLY B 76 10.26 -19.04 12.71
N TYR B 77 9.52 -19.17 11.60
CA TYR B 77 9.97 -18.69 10.29
C TYR B 77 8.83 -18.14 9.44
N TYR B 78 9.15 -17.28 8.48
CA TYR B 78 8.11 -16.75 7.59
C TYR B 78 7.93 -17.67 6.40
N ARG B 79 6.69 -17.75 5.93
CA ARG B 79 6.31 -18.57 4.79
CA ARG B 79 6.33 -18.58 4.78
C ARG B 79 5.40 -17.76 3.90
N ILE B 80 5.64 -17.80 2.60
CA ILE B 80 4.84 -17.06 1.66
C ILE B 80 3.67 -17.96 1.30
N ARG B 81 2.49 -17.59 1.77
CA ARG B 81 1.28 -18.38 1.53
C ARG B 81 0.92 -18.30 0.08
N THR B 82 1.04 -17.10 -0.48
CA THR B 82 0.80 -16.90 -1.91
C THR B 82 1.47 -15.63 -2.37
N TRP B 83 1.97 -15.65 -3.59
CA TRP B 83 2.60 -14.47 -4.20
C TRP B 83 1.56 -13.59 -4.86
N GLY B 84 0.35 -14.11 -5.06
CA GLY B 84 -0.71 -13.36 -5.69
C GLY B 84 -0.29 -12.83 -7.05
N PRO B 85 -0.42 -11.53 -7.24
CA PRO B 85 -0.09 -10.93 -8.51
C PRO B 85 1.41 -10.78 -8.78
N ILE B 86 2.26 -11.14 -7.84
CA ILE B 86 3.70 -11.02 -8.05
C ILE B 86 4.25 -12.31 -8.61
N SER B 87 5.11 -12.19 -9.62
CA SER B 87 5.70 -13.36 -10.23
C SER B 87 6.97 -13.72 -9.50
N SER B 88 6.94 -14.85 -8.79
CA SER B 88 8.12 -15.31 -8.08
C SER B 88 9.22 -15.75 -9.07
N ALA B 89 8.81 -16.10 -10.29
CA ALA B 89 9.74 -16.50 -11.32
C ALA B 89 10.63 -15.30 -11.67
N TRP B 90 9.99 -14.16 -11.94
CA TRP B 90 10.70 -12.94 -12.30
C TRP B 90 11.84 -12.66 -11.35
N ASP B 92 13.50 -14.65 -9.53
CA ASP B 92 14.57 -15.63 -9.70
C ASP B 92 15.52 -15.18 -10.77
N THR B 93 14.99 -14.59 -11.83
CA THR B 93 15.82 -14.13 -12.94
C THR B 93 16.63 -12.87 -12.64
N HIS B 94 16.09 -11.97 -11.81
CA HIS B 94 16.75 -10.69 -11.55
C HIS B 94 17.33 -10.50 -10.15
N VAL B 95 17.62 -11.61 -9.47
CA VAL B 95 18.19 -11.56 -8.12
C VAL B 95 19.40 -10.63 -8.05
N ASP B 96 20.36 -10.85 -8.95
CA ASP B 96 21.61 -10.07 -8.98
C ASP B 96 21.44 -8.56 -9.15
N GLU B 97 20.57 -8.13 -10.08
CA GLU B 97 20.32 -6.71 -10.27
C GLU B 97 19.77 -6.05 -9.00
N VAL B 98 18.74 -6.70 -8.43
CA VAL B 98 18.06 -6.21 -7.24
C VAL B 98 19.03 -6.13 -6.03
N LYS B 99 19.87 -7.17 -5.89
CA LYS B 99 20.92 -7.24 -4.86
C LYS B 99 21.64 -5.92 -4.69
N SER B 100 22.27 -5.43 -5.74
CA SER B 100 22.99 -4.14 -5.66
C SER B 100 22.02 -2.95 -5.54
N LEU B 101 21.08 -2.82 -6.48
CA LEU B 101 20.13 -1.70 -6.46
C LEU B 101 19.62 -1.39 -5.02
N LEU B 102 19.49 -2.43 -4.19
CA LEU B 102 19.06 -2.26 -2.77
C LEU B 102 20.22 -2.07 -1.77
N GLY B 103 21.45 -2.40 -2.17
CA GLY B 103 22.62 -2.27 -1.31
C GLY B 103 22.69 -3.29 -0.18
N VAL B 104 22.32 -4.55 -0.46
CA VAL B 104 22.32 -5.62 0.57
C VAL B 104 23.74 -6.02 1.05
N ASP B 105 23.87 -6.13 2.37
CA ASP B 105 25.14 -6.42 3.08
C ASP B 105 25.19 -7.91 3.57
N ASP B 106 26.07 -8.26 4.55
CA ASP B 106 26.20 -9.67 5.05
C ASP B 106 27.16 -9.89 6.26
N ALA B 107 26.83 -10.84 7.14
CA ALA B 107 27.64 -11.17 8.35
C ALA B 107 29.13 -11.01 8.14
N VAL C 12 1.79 27.56 16.39
CA VAL C 12 0.36 27.52 16.80
C VAL C 12 0.26 27.27 18.31
N SER C 13 -0.98 27.32 18.81
CA SER C 13 -1.33 27.11 20.23
C SER C 13 -1.12 25.68 20.69
N LYS C 14 -0.99 25.46 22.01
CA LYS C 14 -0.86 24.09 22.55
C LYS C 14 -2.17 23.33 22.35
N GLN C 15 -3.32 23.98 22.55
CA GLN C 15 -4.60 23.30 22.31
C GLN C 15 -4.84 23.04 20.83
N HIS C 16 -4.37 23.97 19.99
CA HIS C 16 -4.56 23.81 18.58
C HIS C 16 -3.76 22.57 18.11
N LYS C 17 -2.59 22.37 18.71
CA LYS C 17 -1.76 21.19 18.36
C LYS C 17 -2.47 19.91 18.82
N ALA C 18 -3.05 19.91 20.01
CA ALA C 18 -3.76 18.72 20.49
C ALA C 18 -4.87 18.36 19.51
N PHE C 19 -5.61 19.38 19.08
CA PHE C 19 -6.69 19.22 18.12
C PHE C 19 -6.20 18.65 16.80
N LEU C 20 -5.14 19.20 16.25
CA LEU C 20 -4.61 18.71 14.97
C LEU C 20 -4.10 17.29 15.11
N ARG C 21 -3.62 16.96 16.30
CA ARG C 21 -3.14 15.63 16.56
C ARG C 21 -4.29 14.67 16.31
N LYS C 22 -5.46 15.00 16.84
CA LYS C 22 -6.63 14.14 16.65
C LYS C 22 -6.93 13.96 15.17
N LEU C 23 -7.00 15.06 14.43
CA LEU C 23 -7.26 14.99 13.00
C LEU C 23 -6.18 14.22 12.26
N TYR C 24 -4.92 14.36 12.66
CA TYR C 24 -3.86 13.62 11.98
C TYR C 24 -4.02 12.10 12.24
N LEU C 25 -4.29 11.70 13.47
CA LEU C 25 -4.49 10.29 13.76
C LEU C 25 -5.72 9.78 12.99
N ALA C 26 -6.80 10.55 12.99
CA ALA C 26 -8.01 10.13 12.29
C ALA C 26 -7.68 9.84 10.82
N HIS C 27 -6.93 10.74 10.20
CA HIS C 27 -6.54 10.60 8.80
C HIS C 27 -5.76 9.32 8.58
N LEU C 28 -4.86 8.99 9.51
CA LEU C 28 -4.09 7.78 9.40
C LEU C 28 -5.00 6.58 9.50
N ASP C 30 -8.04 6.23 8.61
CA ASP C 30 -8.77 6.01 7.37
C ASP C 30 -7.90 5.47 6.29
N ASP C 31 -6.61 5.64 6.44
CA ASP C 31 -5.66 5.24 5.41
C ASP C 31 -5.30 3.74 5.44
N ALA C 32 -5.35 3.16 6.64
CA ALA C 32 -5.06 1.76 6.85
C ALA C 32 -5.55 1.31 8.23
N ARG C 33 -5.62 0.00 8.42
CA ARG C 33 -6.03 -0.56 9.69
C ARG C 33 -4.89 -0.40 10.68
N HIS C 34 -5.14 0.40 11.70
CA HIS C 34 -4.13 0.65 12.71
C HIS C 34 -4.53 0.34 14.11
N ASN C 35 -3.53 0.16 14.94
CA ASN C 35 -3.76 0.00 16.34
C ASN C 35 -2.72 0.91 17.05
N LEU C 36 -2.73 0.93 18.37
CA LEU C 36 -1.83 1.82 19.10
C LEU C 36 -0.37 1.57 18.73
N LEU C 37 -0.01 0.31 18.66
CA LEU C 37 1.35 -0.08 18.36
C LEU C 37 1.81 0.43 17.00
N SER C 38 0.98 0.27 15.97
CA SER C 38 1.35 0.71 14.62
C SER C 38 1.35 2.21 14.55
N LEU C 39 0.42 2.85 15.26
CA LEU C 39 0.37 4.32 15.27
C LEU C 39 1.60 4.86 15.98
N GLY C 40 2.04 4.16 17.00
CA GLY C 40 3.22 4.55 17.74
C GLY C 40 4.46 4.55 16.85
N LYS C 41 4.62 3.46 16.11
CA LYS C 41 5.73 3.28 15.19
C LYS C 41 5.71 4.31 14.04
N LEU C 42 4.53 4.59 13.52
CA LEU C 42 4.42 5.51 12.40
C LEU C 42 4.54 7.00 12.82
N THR C 43 4.09 7.35 14.02
CA THR C 43 4.13 8.76 14.46
C THR C 43 5.17 9.08 15.50
N GLY C 44 5.67 8.05 16.18
CA GLY C 44 6.65 8.29 17.22
C GLY C 44 6.05 8.78 18.54
N PRO C 46 4.11 8.30 22.13
CA PRO C 46 4.02 7.14 23.05
C PRO C 46 2.58 6.66 23.22
N ARG C 47 2.43 5.42 23.69
CA ARG C 47 1.12 4.81 23.85
C ARG C 47 0.17 5.68 24.66
N ARG C 48 0.69 6.28 25.72
CA ARG C 48 -0.11 7.12 26.59
C ARG C 48 -0.70 8.30 25.81
N THR C 49 0.13 8.99 25.04
CA THR C 49 -0.36 10.14 24.30
C THR C 49 -1.45 9.73 23.31
N LEU C 50 -1.22 8.63 22.58
CA LEU C 50 -2.18 8.14 21.59
C LEU C 50 -3.48 7.77 22.26
N GLN C 51 -3.44 7.06 23.38
CA GLN C 51 -4.68 6.65 24.03
C GLN C 51 -5.46 7.86 24.53
N ASP C 52 -4.77 8.83 25.13
CA ASP C 52 -5.45 10.02 25.61
C ASP C 52 -6.12 10.76 24.46
N ALA C 53 -5.43 10.82 23.31
CA ALA C 53 -5.96 11.53 22.14
C ALA C 53 -7.16 10.82 21.55
N ILE C 54 -7.01 9.53 21.26
CA ILE C 54 -8.08 8.73 20.66
C ILE C 54 -9.32 8.70 21.54
N ALA C 55 -9.10 8.52 22.84
CA ALA C 55 -10.18 8.50 23.83
C ALA C 55 -10.96 9.81 23.77
N SER C 56 -10.30 10.88 23.35
CA SER C 56 -10.95 12.20 23.24
C SER C 56 -11.58 12.51 21.89
N PHE C 57 -11.48 11.62 20.93
CA PHE C 57 -12.12 11.88 19.65
C PHE C 57 -13.57 12.30 19.78
N ALA C 58 -14.32 11.63 20.64
CA ALA C 58 -15.73 11.93 20.84
C ALA C 58 -15.97 13.40 21.19
N ASP C 59 -15.03 14.02 21.88
CA ASP C 59 -15.19 15.40 22.25
C ASP C 59 -15.26 16.34 21.04
N ILE C 60 -14.69 15.96 19.91
CA ILE C 60 -14.75 16.85 18.73
C ILE C 60 -15.66 16.26 17.65
N GLY C 61 -16.54 15.35 18.06
CA GLY C 61 -17.52 14.75 17.18
C GLY C 61 -17.09 13.60 16.30
N ILE C 62 -15.83 13.17 16.40
CA ILE C 62 -15.37 12.03 15.59
C ILE C 62 -15.65 10.76 16.39
N GLU C 63 -16.49 9.87 15.83
CA GLU C 63 -16.87 8.62 16.45
C GLU C 63 -15.99 7.53 15.89
N VAL C 64 -15.02 7.08 16.68
CA VAL C 64 -14.11 6.01 16.25
C VAL C 64 -14.45 4.77 17.04
N GLU C 65 -14.20 3.62 16.41
CA GLU C 65 -14.45 2.30 16.99
C GLU C 65 -13.25 1.43 16.94
N PHE C 66 -13.21 0.40 17.79
CA PHE C 66 -12.10 -0.57 17.84
C PHE C 66 -12.68 -1.91 17.42
N VAL C 67 -12.31 -2.38 16.23
CA VAL C 67 -12.92 -3.58 15.67
C VAL C 67 -12.05 -4.78 15.70
N GLN C 68 -12.63 -5.89 16.13
CA GLN C 68 -12.01 -7.22 16.15
C GLN C 68 -12.87 -8.19 15.37
N ASP C 69 -12.32 -9.34 15.04
CA ASP C 69 -13.11 -10.42 14.47
C ASP C 69 -14.17 -10.86 15.49
N GLY C 70 -15.19 -11.56 15.05
CA GLY C 70 -16.21 -12.01 15.94
C GLY C 70 -15.73 -12.79 17.16
N GLU C 71 -14.81 -13.74 16.95
CA GLU C 71 -14.32 -14.56 18.07
C GLU C 71 -13.24 -13.90 18.89
N ARG C 72 -12.89 -12.68 18.51
CA ARG C 72 -11.90 -11.91 19.24
C ARG C 72 -10.56 -12.54 19.39
N HIS C 73 -10.09 -13.19 18.35
CA HIS C 73 -8.80 -13.77 18.40
C HIS C 73 -7.76 -12.77 17.88
N ASN C 74 -8.16 -11.91 16.96
CA ASN C 74 -7.22 -10.99 16.36
C ASN C 74 -7.04 -9.66 17.06
N ALA C 75 -5.87 -9.07 16.82
CA ALA C 75 -5.56 -7.76 17.32
C ALA C 75 -6.57 -6.84 16.65
N GLY C 76 -7.26 -6.03 17.45
CA GLY C 76 -8.24 -5.12 16.91
C GLY C 76 -7.60 -3.98 16.15
N TYR C 77 -8.43 -3.22 15.43
CA TYR C 77 -7.97 -2.06 14.67
C TYR C 77 -8.98 -0.94 14.78
N TYR C 78 -8.52 0.32 14.68
CA TYR C 78 -9.41 1.47 14.75
C TYR C 78 -10.15 1.70 13.44
N ARG C 79 -11.43 2.02 13.54
CA ARG C 79 -12.26 2.33 12.38
C ARG C 79 -13.15 3.52 12.71
N ILE C 80 -13.18 4.51 11.81
CA ILE C 80 -14.01 5.69 12.03
C ILE C 80 -15.41 5.49 11.48
N ARG C 81 -16.40 5.62 12.35
CA ARG C 81 -17.77 5.45 11.92
CA ARG C 81 -17.79 5.48 12.00
C ARG C 81 -18.21 6.77 11.32
N THR C 82 -17.79 7.89 11.91
CA THR C 82 -18.12 9.18 11.32
C THR C 82 -17.18 10.25 11.80
N TRP C 83 -16.97 11.23 10.94
CA TRP C 83 -16.14 12.40 11.26
C TRP C 83 -17.04 13.48 11.87
N GLY C 84 -18.36 13.28 11.81
CA GLY C 84 -19.28 14.24 12.35
C GLY C 84 -18.99 15.60 11.74
N PRO C 85 -18.80 16.63 12.57
CA PRO C 85 -18.52 17.99 12.09
C PRO C 85 -17.09 18.23 11.59
N ILE C 86 -16.22 17.23 11.63
CA ILE C 86 -14.86 17.45 11.18
C ILE C 86 -14.79 17.07 9.72
N SER C 87 -14.10 17.88 8.92
CA SER C 87 -13.98 17.61 7.48
C SER C 87 -12.78 16.74 7.16
N SER C 88 -12.99 15.50 6.75
CA SER C 88 -11.85 14.64 6.42
C SER C 88 -11.10 15.19 5.21
N ALA C 89 -11.86 15.78 4.29
CA ALA C 89 -11.30 16.35 3.07
C ALA C 89 -10.27 17.42 3.37
N TRP C 90 -10.50 18.19 4.45
CA TRP C 90 -9.61 19.28 4.87
C TRP C 90 -8.26 18.78 5.30
N ASP C 92 -6.98 15.93 4.31
CA ASP C 92 -6.32 15.44 3.07
C ASP C 92 -5.47 16.52 2.44
N THR C 93 -5.96 17.75 2.51
CA THR C 93 -5.28 18.91 1.92
C THR C 93 -4.14 19.51 2.73
N HIS C 94 -4.20 19.37 4.05
CA HIS C 94 -3.21 19.98 4.94
C HIS C 94 -2.26 19.00 5.63
N VAL C 95 -2.20 17.75 5.15
CA VAL C 95 -1.35 16.71 5.77
C VAL C 95 0.10 17.13 6.00
N ASP C 96 0.81 17.45 4.92
CA ASP C 96 2.22 17.86 5.02
C ASP C 96 2.42 18.94 6.08
N GLU C 97 1.61 19.98 5.99
CA GLU C 97 1.65 21.10 6.92
C GLU C 97 1.43 20.66 8.37
N VAL C 98 0.37 19.88 8.61
CA VAL C 98 0.08 19.39 9.97
C VAL C 98 1.18 18.48 10.47
N LYS C 99 1.65 17.60 9.59
CA LYS C 99 2.70 16.64 9.90
C LYS C 99 3.95 17.39 10.39
N SER C 100 4.18 18.59 9.83
CA SER C 100 5.32 19.41 10.22
CA SER C 100 5.32 19.42 10.22
C SER C 100 5.09 20.04 11.59
N LEU C 101 3.97 20.78 11.72
CA LEU C 101 3.60 21.46 12.99
C LEU C 101 3.69 20.51 14.18
N LEU C 102 3.28 19.26 13.97
CA LEU C 102 3.32 18.24 15.02
C LEU C 102 4.74 17.72 15.23
N GLY C 103 5.56 17.77 14.19
CA GLY C 103 6.95 17.30 14.24
C GLY C 103 7.07 15.79 14.18
N VAL C 104 6.23 15.15 13.35
CA VAL C 104 6.22 13.69 13.21
C VAL C 104 7.50 13.17 12.53
N ASP C 105 7.91 13.80 11.42
CA ASP C 105 9.17 13.38 10.71
C ASP C 105 10.45 13.56 11.56
N ASP C 106 10.34 14.36 12.63
CA ASP C 106 11.41 14.53 13.60
C ASP C 106 11.04 13.52 14.72
N ALA C 107 10.86 12.24 14.34
CA ALA C 107 10.52 11.12 15.27
C ALA C 107 11.77 10.49 15.94
N VAL C 108 12.81 11.34 16.14
CA VAL C 108 14.10 10.97 16.75
C VAL C 108 13.95 10.64 18.22
#